data_3PAO
#
_entry.id   3PAO
#
_cell.length_a   44.637
_cell.length_b   73.990
_cell.length_c   178.012
_cell.angle_alpha   90.00
_cell.angle_beta   90.00
_cell.angle_gamma   90.00
#
_symmetry.space_group_name_H-M   'P 21 21 21'
#
loop_
_entity.id
_entity.type
_entity.pdbx_description
1 polymer 'Adenosine deaminase'
2 non-polymer 'ZINC ION'
3 non-polymer ADENINE
4 water water
#
_entity_poly.entity_id   1
_entity_poly.type   'polypeptide(L)'
_entity_poly.pdbx_seq_one_letter_code
;(MSE)SLYEWLNALPKAELHLHLEGTLEPELLFALAERNRIALPWNDVETLRKAYAFNNLQEFLDLYYAGADVLRTEQDF
YDLTWAYLQKCKAQNVVHVEPFFDPQTHTDRGIPFEVVLAGIRAALRDGEKLLGIRHGLILSFLRHLSEEQAQKTLDQAL
PFRDAFIAVGLDSSEVGHPPSKFQRVFDRARSEGFLTVAHAGEEGPPEYIWEALDLLKVERIDHGVRAFEDERL(MSE)R
RLIDEQIPLTVCPLSNTKLCVFDD(MSE)SQHTILD(MSE)LERGVKVTVNSDDPAYFGGYVTENFHALQQSLG(MSE)T
EEQARRLAQNSLDARLVKEGHHHHHH
;
_entity_poly.pdbx_strand_id   A,B
#
# COMPACT_ATOMS: atom_id res chain seq x y z
N TYR A 4 -26.73 -0.49 -26.87
CA TYR A 4 -26.29 -1.23 -25.68
C TYR A 4 -24.90 -1.83 -25.84
N GLU A 5 -24.74 -2.72 -26.82
CA GLU A 5 -23.44 -3.35 -27.06
C GLU A 5 -22.39 -2.30 -27.43
N TRP A 6 -22.83 -1.25 -28.09
CA TRP A 6 -21.95 -0.14 -28.36
C TRP A 6 -21.57 0.52 -27.04
N LEU A 7 -22.56 0.74 -26.18
CA LEU A 7 -22.33 1.32 -24.87
C LEU A 7 -21.44 0.40 -24.06
N ASN A 8 -21.69 -0.89 -24.19
CA ASN A 8 -20.95 -1.87 -23.41
C ASN A 8 -19.50 -1.93 -23.86
N ALA A 9 -19.26 -1.48 -25.09
CA ALA A 9 -17.93 -1.53 -25.67
C ALA A 9 -17.05 -0.38 -25.22
N LEU A 10 -17.68 0.75 -24.85
CA LEU A 10 -16.93 1.91 -24.34
C LEU A 10 -15.97 1.55 -23.21
N PRO A 11 -14.73 2.02 -23.30
CA PRO A 11 -13.86 1.93 -22.13
C PRO A 11 -14.42 2.83 -21.03
N LYS A 12 -14.51 2.33 -19.79
CA LYS A 12 -14.99 3.14 -18.69
C LYS A 12 -14.23 2.92 -17.38
N ALA A 13 -14.35 3.89 -16.47
CA ALA A 13 -13.88 3.76 -15.11
C ALA A 13 -15.08 3.86 -14.18
N GLU A 14 -15.22 2.89 -13.27
CA GLU A 14 -16.24 3.00 -12.25
C GLU A 14 -15.62 3.57 -10.98
N LEU A 15 -16.21 4.64 -10.48
CA LEU A 15 -15.63 5.45 -9.40
C LEU A 15 -16.57 5.52 -8.20
N HIS A 16 -17.78 5.04 -8.39
CA HIS A 16 -18.77 5.03 -7.33
C HIS A 16 -19.40 3.65 -7.28
N LEU A 17 -18.78 2.75 -6.53
CA LEU A 17 -19.30 1.40 -6.38
C LEU A 17 -19.01 0.83 -5.00
N HIS A 18 -20.02 0.20 -4.38
CA HIS A 18 -19.82 -0.46 -3.10
C HIS A 18 -19.66 -1.96 -3.31
N LEU A 19 -18.52 -2.49 -2.92
CA LEU A 19 -18.29 -3.92 -3.09
C LEU A 19 -19.42 -4.70 -2.43
N GLU A 20 -19.83 -4.28 -1.22
CA GLU A 20 -20.92 -4.96 -0.55
C GLU A 20 -22.22 -4.91 -1.38
N GLY A 21 -22.35 -3.87 -2.21
CA GLY A 21 -23.54 -3.70 -3.03
C GLY A 21 -23.50 -4.45 -4.35
N THR A 22 -22.50 -5.32 -4.51
CA THR A 22 -22.45 -6.16 -5.71
C THR A 22 -22.86 -7.58 -5.36
N LEU A 23 -23.35 -7.77 -4.14
CA LEU A 23 -23.68 -9.09 -3.61
C LEU A 23 -24.95 -9.64 -4.26
N GLU A 24 -24.78 -10.39 -5.34
CA GLU A 24 -25.90 -10.98 -6.04
C GLU A 24 -26.62 -11.98 -5.15
N PRO A 25 -27.95 -12.01 -5.23
CA PRO A 25 -28.77 -12.98 -4.50
C PRO A 25 -28.18 -14.39 -4.59
N GLU A 26 -27.79 -14.82 -5.78
CA GLU A 26 -27.22 -16.16 -5.94
C GLU A 26 -25.97 -16.33 -5.08
N LEU A 27 -25.06 -15.37 -5.14
CA LEU A 27 -23.86 -15.47 -4.32
C LEU A 27 -24.20 -15.49 -2.85
N LEU A 28 -25.14 -14.64 -2.46
CA LEU A 28 -25.54 -14.57 -1.07
C LEU A 28 -25.95 -15.97 -0.58
N PHE A 29 -26.78 -16.67 -1.35
CA PHE A 29 -27.22 -18.00 -0.95
C PHE A 29 -26.06 -19.00 -0.92
N ALA A 30 -25.13 -18.84 -1.87
CA ALA A 30 -24.00 -19.75 -1.96
C ALA A 30 -23.01 -19.56 -0.79
N LEU A 31 -22.75 -18.31 -0.42
CA LEU A 31 -21.92 -18.04 0.75
C LEU A 31 -22.61 -18.53 2.04
N ALA A 32 -23.90 -18.24 2.16
CA ALA A 32 -24.70 -18.75 3.28
C ALA A 32 -24.59 -20.28 3.42
N GLU A 33 -24.73 -21.00 2.31
CA GLU A 33 -24.55 -22.45 2.31
C GLU A 33 -23.15 -22.86 2.77
N ARG A 34 -22.11 -22.31 2.16
CA ARG A 34 -20.71 -22.58 2.53
C ARG A 34 -20.41 -22.27 4.00
N ASN A 35 -21.04 -21.22 4.53
CA ASN A 35 -20.83 -20.80 5.92
C ASN A 35 -21.85 -21.41 6.90
N ARG A 36 -22.73 -22.26 6.37
CA ARG A 36 -23.77 -22.93 7.18
C ARG A 36 -24.70 -21.96 7.90
N ILE A 37 -25.14 -20.93 7.18
CA ILE A 37 -26.01 -19.90 7.71
C ILE A 37 -27.46 -20.12 7.28
N ALA A 38 -28.37 -20.14 8.24
CA ALA A 38 -29.78 -20.22 7.92
C ALA A 38 -30.30 -18.83 7.61
N LEU A 39 -30.72 -18.64 6.37
CA LEU A 39 -31.19 -17.34 5.91
C LEU A 39 -32.66 -17.11 6.27
N PRO A 40 -33.03 -15.84 6.51
CA PRO A 40 -34.43 -15.47 6.72
C PRO A 40 -35.19 -15.72 5.44
N TRP A 41 -34.48 -15.66 4.32
CA TRP A 41 -35.11 -15.78 3.01
C TRP A 41 -35.25 -17.22 2.54
N ASN A 42 -36.46 -17.56 2.14
CA ASN A 42 -36.80 -18.90 1.71
C ASN A 42 -36.02 -19.31 0.46
N ASP A 43 -35.96 -18.42 -0.52
CA ASP A 43 -35.19 -18.67 -1.74
C ASP A 43 -34.67 -17.39 -2.42
N VAL A 44 -33.79 -17.55 -3.40
CA VAL A 44 -33.22 -16.40 -4.09
C VAL A 44 -34.36 -15.52 -4.58
N GLU A 45 -35.34 -16.17 -5.17
CA GLU A 45 -36.50 -15.48 -5.71
C GLU A 45 -37.16 -14.57 -4.65
N THR A 46 -37.28 -15.07 -3.43
CA THR A 46 -37.86 -14.26 -2.35
C THR A 46 -36.96 -13.10 -1.92
N LEU A 47 -35.66 -13.36 -1.79
CA LEU A 47 -34.73 -12.27 -1.49
C LEU A 47 -34.78 -11.19 -2.58
N ARG A 48 -34.84 -11.61 -3.84
CA ARG A 48 -34.88 -10.67 -4.96
C ARG A 48 -36.14 -9.79 -4.96
N LYS A 49 -37.26 -10.34 -4.51
CA LYS A 49 -38.50 -9.57 -4.41
C LYS A 49 -38.41 -8.50 -3.32
N ALA A 50 -37.56 -8.73 -2.32
CA ALA A 50 -37.32 -7.73 -1.27
C ALA A 50 -36.57 -6.51 -1.79
N TYR A 51 -36.14 -6.52 -3.05
CA TYR A 51 -35.44 -5.35 -3.57
C TYR A 51 -36.41 -4.28 -4.07
N ALA A 52 -37.28 -3.82 -3.17
CA ALA A 52 -38.21 -2.74 -3.48
C ALA A 52 -38.06 -1.67 -2.40
N PHE A 53 -37.75 -0.45 -2.82
CA PHE A 53 -37.33 0.57 -1.86
C PHE A 53 -38.11 1.87 -2.03
N ASN A 54 -38.35 2.55 -0.91
CA ASN A 54 -39.04 3.84 -0.92
C ASN A 54 -38.08 4.94 -0.52
N ASN A 55 -36.90 4.55 -0.04
CA ASN A 55 -35.86 5.51 0.30
C ASN A 55 -34.53 4.85 0.56
N LEU A 56 -33.52 5.66 0.89
CA LEU A 56 -32.17 5.17 1.14
C LEU A 56 -32.15 4.20 2.31
N GLN A 57 -32.92 4.50 3.36
CA GLN A 57 -32.86 3.73 4.59
C GLN A 57 -33.36 2.31 4.38
N GLU A 58 -34.51 2.20 3.71
CA GLU A 58 -35.09 0.89 3.48
C GLU A 58 -34.08 -0.02 2.79
N PHE A 59 -33.36 0.54 1.82
CA PHE A 59 -32.29 -0.18 1.13
C PHE A 59 -31.15 -0.55 2.07
N LEU A 60 -30.70 0.42 2.87
CA LEU A 60 -29.57 0.21 3.77
C LEU A 60 -29.82 -0.97 4.69
N ASP A 61 -31.01 -1.00 5.28
CA ASP A 61 -31.33 -2.03 6.27
C ASP A 61 -31.09 -3.39 5.65
N LEU A 62 -31.54 -3.56 4.42
CA LEU A 62 -31.44 -4.83 3.72
C LEU A 62 -29.98 -5.08 3.36
N TYR A 63 -29.36 -4.06 2.79
CA TYR A 63 -27.96 -4.05 2.40
C TYR A 63 -27.02 -4.49 3.53
N TYR A 64 -27.26 -4.00 4.74
CA TYR A 64 -26.47 -4.41 5.89
C TYR A 64 -26.81 -5.85 6.29
N ALA A 65 -28.08 -6.21 6.16
CA ALA A 65 -28.52 -7.57 6.45
C ALA A 65 -27.77 -8.59 5.61
N GLY A 66 -27.60 -8.28 4.33
CA GLY A 66 -26.91 -9.19 3.43
C GLY A 66 -25.48 -9.48 3.84
N ALA A 67 -24.83 -8.53 4.51
CA ALA A 67 -23.41 -8.63 4.82
C ALA A 67 -23.06 -9.74 5.81
N ASP A 68 -24.10 -10.31 6.43
CA ASP A 68 -23.92 -11.44 7.35
C ASP A 68 -23.13 -12.60 6.74
N VAL A 69 -23.37 -12.89 5.46
CA VAL A 69 -22.74 -14.04 4.83
C VAL A 69 -21.24 -13.84 4.55
N LEU A 70 -20.78 -12.59 4.67
CA LEU A 70 -19.38 -12.29 4.45
C LEU A 70 -18.62 -12.60 5.70
N ARG A 71 -17.95 -13.75 5.71
CA ARG A 71 -17.31 -14.19 6.93
C ARG A 71 -15.84 -14.52 6.80
N THR A 72 -15.44 -15.09 5.67
CA THR A 72 -14.07 -15.52 5.51
C THR A 72 -13.36 -14.71 4.44
N GLU A 73 -12.04 -14.83 4.41
CA GLU A 73 -11.24 -14.19 3.36
C GLU A 73 -11.73 -14.65 1.98
N GLN A 74 -11.99 -15.95 1.82
CA GLN A 74 -12.49 -16.45 0.55
C GLN A 74 -13.84 -15.82 0.17
N ASP A 75 -14.69 -15.55 1.16
CA ASP A 75 -15.93 -14.82 0.93
C ASP A 75 -15.65 -13.46 0.27
N PHE A 76 -14.76 -12.70 0.89
CA PHE A 76 -14.45 -11.37 0.40
C PHE A 76 -13.74 -11.42 -0.96
N TYR A 77 -12.99 -12.50 -1.19
CA TYR A 77 -12.39 -12.69 -2.50
C TYR A 77 -13.46 -12.96 -3.55
N ASP A 78 -14.40 -13.84 -3.22
CA ASP A 78 -15.45 -14.22 -4.17
C ASP A 78 -16.28 -13.00 -4.53
N LEU A 79 -16.62 -12.22 -3.52
CA LEU A 79 -17.43 -11.03 -3.71
C LEU A 79 -16.78 -10.09 -4.73
N THR A 80 -15.50 -9.81 -4.51
CA THR A 80 -14.77 -8.81 -5.33
C THR A 80 -14.44 -9.37 -6.69
N TRP A 81 -14.05 -10.63 -6.73
CA TRP A 81 -13.67 -11.25 -8.00
C TRP A 81 -14.88 -11.31 -8.94
N ALA A 82 -16.06 -11.64 -8.39
CA ALA A 82 -17.28 -11.68 -9.19
C ALA A 82 -17.54 -10.33 -9.85
N TYR A 83 -17.31 -9.26 -9.10
CA TYR A 83 -17.49 -7.91 -9.63
C TYR A 83 -16.42 -7.60 -10.69
N LEU A 84 -15.17 -7.91 -10.39
CA LEU A 84 -14.12 -7.69 -11.36
C LEU A 84 -14.46 -8.36 -12.70
N GLN A 85 -15.07 -9.55 -12.66
CA GLN A 85 -15.47 -10.23 -13.90
C GLN A 85 -16.54 -9.49 -14.69
N LYS A 86 -17.52 -8.95 -13.97
CA LYS A 86 -18.49 -8.06 -14.59
C LYS A 86 -17.79 -6.86 -15.23
N CYS A 87 -16.77 -6.33 -14.56
CA CYS A 87 -16.05 -5.18 -15.13
C CYS A 87 -15.40 -5.55 -16.46
N LYS A 88 -14.72 -6.68 -16.49
CA LYS A 88 -14.08 -7.19 -17.69
C LYS A 88 -15.09 -7.28 -18.81
N ALA A 89 -16.27 -7.84 -18.48
CA ALA A 89 -17.31 -8.05 -19.48
C ALA A 89 -17.89 -6.73 -19.99
N GLN A 90 -17.81 -5.68 -19.18
CA GLN A 90 -18.45 -4.42 -19.54
C GLN A 90 -17.41 -3.38 -19.87
N ASN A 91 -16.18 -3.84 -20.02
CA ASN A 91 -15.05 -2.99 -20.37
C ASN A 91 -14.84 -1.80 -19.45
N VAL A 92 -15.14 -2.00 -18.16
CA VAL A 92 -14.62 -1.11 -17.13
C VAL A 92 -13.14 -1.45 -17.00
N VAL A 93 -12.28 -0.48 -17.33
CA VAL A 93 -10.85 -0.75 -17.31
C VAL A 93 -10.19 -0.28 -16.01
N HIS A 94 -10.95 0.41 -15.19
CA HIS A 94 -10.41 1.04 -14.01
C HIS A 94 -11.48 1.14 -12.94
N VAL A 95 -11.16 0.71 -11.73
CA VAL A 95 -12.13 0.74 -10.64
C VAL A 95 -11.55 1.39 -9.40
N GLU A 96 -12.35 2.28 -8.80
CA GLU A 96 -12.04 2.86 -7.48
C GLU A 96 -13.23 2.57 -6.57
N PRO A 97 -13.33 1.34 -6.06
CA PRO A 97 -14.47 0.81 -5.32
C PRO A 97 -14.45 1.19 -3.84
N PHE A 98 -15.64 1.32 -3.24
CA PHE A 98 -15.78 1.43 -1.79
C PHE A 98 -15.86 0.07 -1.10
N PHE A 99 -15.42 0.01 0.15
CA PHE A 99 -15.91 -1.02 1.07
C PHE A 99 -16.21 -0.36 2.42
N ASP A 100 -16.99 -1.04 3.26
CA ASP A 100 -17.41 -0.52 4.56
C ASP A 100 -16.85 -1.37 5.69
N PRO A 101 -15.58 -1.17 6.05
CA PRO A 101 -14.94 -2.00 7.09
C PRO A 101 -15.83 -2.23 8.32
N GLN A 102 -16.47 -1.19 8.82
CA GLN A 102 -17.21 -1.27 10.09
C GLN A 102 -18.32 -2.33 10.05
N THR A 103 -18.95 -2.48 8.89
CA THR A 103 -20.01 -3.46 8.73
C THR A 103 -19.51 -4.86 9.06
N HIS A 104 -18.24 -5.11 8.79
CA HIS A 104 -17.65 -6.41 9.06
C HIS A 104 -16.91 -6.49 10.39
N THR A 105 -16.11 -5.48 10.70
CA THR A 105 -15.37 -5.49 11.95
C THR A 105 -16.32 -5.54 13.14
N ASP A 106 -17.44 -4.83 13.05
CA ASP A 106 -18.42 -4.80 14.12
C ASP A 106 -19.13 -6.14 14.29
N ARG A 107 -18.98 -7.05 13.32
CA ARG A 107 -19.56 -8.38 13.41
C ARG A 107 -18.50 -9.38 13.86
N GLY A 108 -17.28 -8.88 14.08
CA GLY A 108 -16.21 -9.71 14.60
C GLY A 108 -15.19 -10.15 13.57
N ILE A 109 -15.45 -9.87 12.30
CA ILE A 109 -14.49 -10.25 11.25
C ILE A 109 -13.27 -9.34 11.33
N PRO A 110 -12.07 -9.96 11.38
CA PRO A 110 -10.84 -9.18 11.49
C PRO A 110 -10.65 -8.27 10.27
N PHE A 111 -10.19 -7.06 10.53
CA PHE A 111 -9.96 -6.08 9.49
C PHE A 111 -9.03 -6.69 8.43
N GLU A 112 -8.02 -7.42 8.89
CA GLU A 112 -7.03 -8.00 7.99
C GLU A 112 -7.65 -9.04 7.05
N VAL A 113 -8.67 -9.74 7.52
CA VAL A 113 -9.37 -10.75 6.70
C VAL A 113 -10.16 -10.09 5.56
N VAL A 114 -10.95 -9.08 5.90
CA VAL A 114 -11.65 -8.29 4.89
C VAL A 114 -10.67 -7.83 3.78
N LEU A 115 -9.62 -7.13 4.18
CA LEU A 115 -8.65 -6.59 3.23
C LEU A 115 -7.94 -7.67 2.40
N ALA A 116 -7.50 -8.74 3.07
CA ALA A 116 -6.85 -9.83 2.36
C ALA A 116 -7.68 -10.30 1.17
N GLY A 117 -8.96 -10.61 1.41
CA GLY A 117 -9.84 -11.10 0.37
C GLY A 117 -9.99 -10.11 -0.79
N ILE A 118 -10.28 -8.86 -0.45
CA ILE A 118 -10.44 -7.81 -1.46
C ILE A 118 -9.14 -7.57 -2.23
N ARG A 119 -8.04 -7.44 -1.50
CA ARG A 119 -6.74 -7.17 -2.10
C ARG A 119 -6.35 -8.28 -3.05
N ALA A 120 -6.51 -9.52 -2.60
CA ALA A 120 -6.24 -10.68 -3.45
C ALA A 120 -6.99 -10.57 -4.78
N ALA A 121 -8.29 -10.27 -4.73
CA ALA A 121 -9.06 -10.13 -5.95
C ALA A 121 -8.57 -8.97 -6.83
N LEU A 122 -8.28 -7.82 -6.23
CA LEU A 122 -7.82 -6.67 -7.00
C LEU A 122 -6.54 -7.00 -7.75
N ARG A 123 -5.69 -7.80 -7.14
CA ARG A 123 -4.44 -8.24 -7.74
C ARG A 123 -4.72 -9.09 -8.97
N ASP A 124 -5.70 -9.96 -8.87
CA ASP A 124 -6.10 -10.75 -10.02
C ASP A 124 -6.72 -9.86 -11.10
N GLY A 125 -7.60 -8.96 -10.68
CA GLY A 125 -8.19 -8.01 -11.59
C GLY A 125 -7.15 -7.31 -12.44
N GLU A 126 -6.06 -6.90 -11.83
CA GLU A 126 -5.06 -6.17 -12.59
C GLU A 126 -4.14 -7.08 -13.43
N LYS A 127 -3.58 -8.11 -12.84
CA LYS A 127 -2.66 -8.95 -13.60
C LYS A 127 -3.33 -9.85 -14.64
N LEU A 128 -4.58 -10.25 -14.41
CA LEU A 128 -5.27 -11.14 -15.37
C LEU A 128 -6.27 -10.39 -16.25
N LEU A 129 -6.93 -9.40 -15.67
CA LEU A 129 -8.00 -8.71 -16.37
C LEU A 129 -7.56 -7.34 -16.92
N GLY A 130 -6.40 -6.87 -16.49
CA GLY A 130 -5.88 -5.59 -16.93
C GLY A 130 -6.54 -4.38 -16.28
N ILE A 131 -7.16 -4.59 -15.12
CA ILE A 131 -7.95 -3.54 -14.48
C ILE A 131 -7.23 -2.84 -13.32
N ARG A 132 -6.97 -1.55 -13.49
CA ARG A 132 -6.36 -0.76 -12.43
C ARG A 132 -7.39 -0.48 -11.34
N HIS A 133 -6.91 -0.33 -10.12
CA HIS A 133 -7.80 -0.16 -8.97
C HIS A 133 -7.24 0.84 -7.98
N GLY A 134 -8.15 1.50 -7.27
CA GLY A 134 -7.77 2.34 -6.16
C GLY A 134 -8.81 2.14 -5.08
N LEU A 135 -8.53 1.27 -4.12
CA LEU A 135 -9.48 0.94 -3.07
C LEU A 135 -9.79 2.17 -2.23
N ILE A 136 -11.08 2.37 -1.93
CA ILE A 136 -11.50 3.48 -1.07
C ILE A 136 -12.18 2.95 0.20
N LEU A 137 -11.66 3.34 1.35
CA LEU A 137 -12.22 2.95 2.64
C LEU A 137 -13.31 3.91 3.08
N SER A 138 -14.54 3.41 3.20
CA SER A 138 -15.67 4.26 3.55
C SER A 138 -16.11 4.12 5.01
N PHE A 139 -16.32 5.26 5.67
CA PHE A 139 -16.88 5.27 7.02
C PHE A 139 -18.40 5.23 7.00
N LEU A 140 -18.97 4.53 7.98
CA LEU A 140 -20.41 4.51 8.18
C LEU A 140 -20.82 5.75 8.95
N ARG A 141 -21.57 6.63 8.28
CA ARG A 141 -21.84 7.96 8.80
C ARG A 141 -22.95 8.01 9.83
N HIS A 142 -23.71 6.93 9.99
CA HIS A 142 -24.75 6.89 11.02
C HIS A 142 -24.14 6.55 12.38
N LEU A 143 -22.91 6.01 12.34
CA LEU A 143 -22.16 5.70 13.56
C LEU A 143 -21.34 6.92 14.00
N SER A 144 -20.66 6.83 15.14
CA SER A 144 -19.98 8.00 15.66
C SER A 144 -18.65 8.30 14.98
N GLU A 145 -18.16 9.54 15.14
CA GLU A 145 -16.86 9.90 14.60
C GLU A 145 -15.79 9.12 15.36
N GLU A 146 -16.04 8.90 16.65
CA GLU A 146 -15.16 8.11 17.50
C GLU A 146 -14.96 6.73 16.91
N GLN A 147 -16.08 6.08 16.54
CA GLN A 147 -16.00 4.77 15.90
C GLN A 147 -15.22 4.81 14.58
N ALA A 148 -15.37 5.89 13.81
CA ALA A 148 -14.62 6.07 12.57
C ALA A 148 -13.13 6.26 12.83
N GLN A 149 -12.79 6.99 13.90
CA GLN A 149 -11.42 7.15 14.35
C GLN A 149 -10.79 5.79 14.67
N LYS A 150 -11.55 4.95 15.38
CA LYS A 150 -11.03 3.62 15.70
C LYS A 150 -10.77 2.84 14.44
N THR A 151 -11.66 2.99 13.46
CA THR A 151 -11.47 2.36 12.15
C THR A 151 -10.25 2.91 11.41
N LEU A 152 -10.05 4.22 11.48
CA LEU A 152 -8.87 4.82 10.86
C LEU A 152 -7.57 4.27 11.49
N ASP A 153 -7.57 4.13 12.81
CA ASP A 153 -6.41 3.52 13.49
C ASP A 153 -6.09 2.13 12.98
N GLN A 154 -7.11 1.32 12.70
CA GLN A 154 -6.87 0.00 12.11
C GLN A 154 -6.27 0.14 10.71
N ALA A 155 -6.71 1.17 10.00
CA ALA A 155 -6.29 1.38 8.62
C ALA A 155 -4.85 1.89 8.48
N LEU A 156 -4.28 2.48 9.54
CA LEU A 156 -2.98 3.15 9.39
C LEU A 156 -1.83 2.24 8.90
N PRO A 157 -1.63 1.07 9.53
CA PRO A 157 -0.64 0.13 9.02
C PRO A 157 -0.94 -0.27 7.56
N PHE A 158 -2.20 -0.21 7.17
CA PHE A 158 -2.60 -0.61 5.83
C PHE A 158 -2.67 0.57 4.86
N ARG A 159 -2.44 1.79 5.35
CA ARG A 159 -2.80 2.98 4.59
C ARG A 159 -2.48 2.90 3.09
N ASP A 160 -1.41 2.21 2.72
CA ASP A 160 -1.01 2.14 1.31
C ASP A 160 -1.94 1.29 0.45
N ALA A 161 -2.91 0.63 1.07
CA ALA A 161 -3.88 -0.16 0.32
C ALA A 161 -5.07 0.68 -0.10
N PHE A 162 -5.12 1.91 0.39
CA PHE A 162 -6.24 2.79 0.08
C PHE A 162 -5.77 4.10 -0.54
N ILE A 163 -6.51 4.57 -1.54
CA ILE A 163 -6.21 5.85 -2.18
C ILE A 163 -7.01 6.99 -1.53
N ALA A 164 -8.09 6.63 -0.84
CA ALA A 164 -8.90 7.64 -0.18
C ALA A 164 -9.74 7.05 0.93
N VAL A 165 -10.35 7.92 1.72
CA VAL A 165 -11.42 7.53 2.62
C VAL A 165 -12.69 8.15 2.08
N GLY A 166 -13.78 7.43 2.19
CA GLY A 166 -15.07 7.94 1.76
C GLY A 166 -16.03 8.02 2.92
N LEU A 167 -17.28 8.35 2.62
CA LEU A 167 -18.28 8.45 3.66
C LEU A 167 -19.65 8.09 3.07
N ASP A 168 -20.23 6.98 3.54
CA ASP A 168 -21.55 6.58 3.11
C ASP A 168 -22.48 6.26 4.29
N SER A 169 -23.62 5.66 3.96
CA SER A 169 -24.68 5.31 4.91
C SER A 169 -25.73 6.42 5.01
N SER A 170 -26.57 6.39 6.05
CA SER A 170 -27.69 7.34 6.20
C SER A 170 -27.24 8.79 6.16
N GLU A 171 -27.53 9.51 5.07
CA GLU A 171 -27.03 10.86 4.89
C GLU A 171 -27.74 11.90 5.77
N VAL A 172 -29.05 11.98 5.62
CA VAL A 172 -29.83 13.02 6.29
C VAL A 172 -29.76 12.94 7.81
N GLY A 173 -29.31 14.05 8.42
CA GLY A 173 -29.18 14.13 9.86
C GLY A 173 -27.82 13.67 10.35
N HIS A 174 -26.96 13.29 9.40
CA HIS A 174 -25.56 12.98 9.70
C HIS A 174 -24.67 13.76 8.71
N PRO A 175 -24.54 15.06 8.93
CA PRO A 175 -23.81 15.90 7.96
C PRO A 175 -22.32 15.58 7.94
N PRO A 176 -21.64 15.95 6.84
CA PRO A 176 -20.19 15.72 6.73
C PRO A 176 -19.42 16.30 7.92
N SER A 177 -19.85 17.43 8.44
CA SER A 177 -19.21 18.09 9.59
C SER A 177 -18.99 17.15 10.77
N LYS A 178 -19.91 16.21 10.97
CA LYS A 178 -19.80 15.23 12.04
C LYS A 178 -18.50 14.46 11.95
N PHE A 179 -17.86 14.47 10.79
CA PHE A 179 -16.71 13.62 10.55
C PHE A 179 -15.49 14.40 10.13
N GLN A 180 -15.52 15.70 10.39
CA GLN A 180 -14.43 16.59 9.99
C GLN A 180 -13.08 16.26 10.64
N ARG A 181 -13.09 15.90 11.92
CA ARG A 181 -11.84 15.57 12.61
C ARG A 181 -11.15 14.36 12.01
N VAL A 182 -11.89 13.27 11.82
CA VAL A 182 -11.29 12.05 11.30
C VAL A 182 -10.82 12.22 9.87
N PHE A 183 -11.59 12.96 9.08
CA PHE A 183 -11.17 13.29 7.73
C PHE A 183 -9.88 14.11 7.72
N ASP A 184 -9.84 15.10 8.61
CA ASP A 184 -8.64 15.89 8.80
C ASP A 184 -7.47 14.99 9.09
N ARG A 185 -7.66 14.02 9.97
CA ARG A 185 -6.57 13.14 10.37
C ARG A 185 -6.18 12.22 9.23
N ALA A 186 -7.18 11.71 8.52
CA ALA A 186 -6.94 10.86 7.36
C ALA A 186 -6.08 11.58 6.33
N ARG A 187 -6.37 12.84 6.06
CA ARG A 187 -5.60 13.60 5.08
C ARG A 187 -4.18 13.83 5.58
N SER A 188 -4.06 14.25 6.84
CA SER A 188 -2.79 14.31 7.54
C SER A 188 -1.94 13.02 7.41
N GLU A 189 -2.61 11.87 7.38
CA GLU A 189 -1.92 10.58 7.29
C GLU A 189 -1.69 10.14 5.85
N GLY A 190 -2.05 11.00 4.90
CA GLY A 190 -1.79 10.76 3.49
C GLY A 190 -2.95 10.17 2.69
N PHE A 191 -4.16 10.27 3.23
CA PHE A 191 -5.34 9.84 2.48
C PHE A 191 -5.95 10.98 1.66
N LEU A 192 -6.41 10.66 0.45
CA LEU A 192 -7.29 11.57 -0.27
C LEU A 192 -8.70 11.37 0.27
N THR A 193 -9.61 12.27 -0.07
CA THR A 193 -10.97 12.13 0.44
C THR A 193 -12.06 12.26 -0.62
N VAL A 194 -13.14 11.51 -0.40
CA VAL A 194 -14.37 11.65 -1.17
C VAL A 194 -15.52 11.53 -0.18
N ALA A 195 -16.74 11.73 -0.65
CA ALA A 195 -17.88 11.67 0.25
C ALA A 195 -19.19 11.59 -0.51
N HIS A 196 -20.15 10.89 0.10
CA HIS A 196 -21.52 10.95 -0.38
C HIS A 196 -22.09 12.30 0.04
N ALA A 197 -22.72 13.01 -0.88
CA ALA A 197 -23.32 14.29 -0.53
C ALA A 197 -24.40 14.69 -1.53
N GLY A 198 -25.58 15.01 -1.01
CA GLY A 198 -26.68 15.46 -1.84
C GLY A 198 -27.35 14.33 -2.60
N GLU A 199 -27.37 13.14 -1.99
CA GLU A 199 -28.17 12.03 -2.50
C GLU A 199 -29.59 12.30 -1.97
N GLU A 200 -29.74 12.19 -0.66
CA GLU A 200 -30.95 12.61 0.04
C GLU A 200 -30.71 13.89 0.80
N GLY A 201 -29.44 14.15 1.12
CA GLY A 201 -29.08 15.31 1.89
C GLY A 201 -29.17 16.57 1.05
N PRO A 202 -29.23 17.72 1.71
CA PRO A 202 -29.39 19.03 1.04
C PRO A 202 -28.07 19.52 0.46
N PRO A 203 -28.16 20.46 -0.50
CA PRO A 203 -27.04 21.18 -1.10
C PRO A 203 -25.99 21.57 -0.06
N GLU A 204 -26.45 22.02 1.10
CA GLU A 204 -25.54 22.43 2.18
C GLU A 204 -24.50 21.34 2.56
N TYR A 205 -24.96 20.10 2.63
CA TYR A 205 -24.09 18.95 2.90
C TYR A 205 -22.97 18.86 1.86
N ILE A 206 -23.28 19.27 0.63
CA ILE A 206 -22.32 19.20 -0.45
C ILE A 206 -21.25 20.28 -0.28
N TRP A 207 -21.67 21.46 0.18
CA TRP A 207 -20.73 22.52 0.49
C TRP A 207 -19.80 22.05 1.59
N GLU A 208 -20.35 21.36 2.59
CA GLU A 208 -19.58 20.83 3.71
C GLU A 208 -18.54 19.81 3.26
N ALA A 209 -18.95 18.86 2.40
CA ALA A 209 -18.02 17.88 1.87
C ALA A 209 -16.88 18.62 1.18
N LEU A 210 -17.26 19.59 0.36
CA LEU A 210 -16.28 20.36 -0.40
C LEU A 210 -15.30 21.11 0.47
N ASP A 211 -15.83 21.78 1.48
CA ASP A 211 -15.03 22.73 2.24
C ASP A 211 -14.50 22.21 3.57
N LEU A 212 -15.26 21.33 4.22
CA LEU A 212 -14.86 20.76 5.49
C LEU A 212 -14.05 19.48 5.31
N LEU A 213 -14.59 18.57 4.50
CA LEU A 213 -13.95 17.28 4.25
C LEU A 213 -12.95 17.37 3.10
N LYS A 214 -13.09 18.42 2.27
CA LYS A 214 -12.11 18.71 1.22
C LYS A 214 -11.99 17.58 0.20
N VAL A 215 -13.13 16.99 -0.12
CA VAL A 215 -13.17 15.85 -1.02
C VAL A 215 -12.62 16.16 -2.42
N GLU A 216 -12.13 15.14 -3.10
CA GLU A 216 -11.68 15.28 -4.48
C GLU A 216 -12.85 15.11 -5.44
N ARG A 217 -13.90 14.44 -4.99
CA ARG A 217 -15.12 14.34 -5.81
C ARG A 217 -16.37 14.16 -4.96
N ILE A 218 -17.51 14.60 -5.50
CA ILE A 218 -18.78 14.38 -4.84
C ILE A 218 -19.43 13.09 -5.33
N ASP A 219 -19.82 12.26 -4.37
CA ASP A 219 -20.56 11.05 -4.70
C ASP A 219 -22.07 11.33 -4.70
N HIS A 220 -22.71 10.96 -5.80
CA HIS A 220 -24.09 11.33 -6.09
C HIS A 220 -24.12 12.79 -6.49
N GLY A 221 -24.44 13.66 -5.54
CA GLY A 221 -24.34 15.10 -5.73
C GLY A 221 -25.44 15.70 -6.56
N VAL A 222 -26.45 14.89 -6.88
CA VAL A 222 -27.56 15.34 -7.74
C VAL A 222 -28.34 16.55 -7.21
N ARG A 223 -28.51 16.62 -5.88
CA ARG A 223 -29.28 17.69 -5.29
C ARG A 223 -28.57 19.04 -5.39
N ALA A 224 -27.40 19.03 -6.02
CA ALA A 224 -26.68 20.27 -6.26
C ALA A 224 -27.52 21.10 -7.23
N PHE A 225 -28.41 20.41 -7.92
CA PHE A 225 -29.19 21.05 -8.96
C PHE A 225 -30.06 22.17 -8.40
N GLU A 226 -30.38 22.08 -7.11
CA GLU A 226 -31.25 23.05 -6.47
C GLU A 226 -30.51 24.34 -6.16
N ASP A 227 -29.19 24.30 -6.27
CA ASP A 227 -28.36 25.40 -5.81
C ASP A 227 -27.46 25.94 -6.92
N GLU A 228 -27.85 27.10 -7.46
CA GLU A 228 -27.19 27.70 -8.63
C GLU A 228 -25.76 28.17 -8.37
N ARG A 229 -25.54 28.72 -7.18
CA ARG A 229 -24.22 29.15 -6.78
C ARG A 229 -23.28 27.94 -6.74
N LEU A 230 -23.81 26.82 -6.26
CA LEU A 230 -23.06 25.57 -6.20
C LEU A 230 -22.82 25.05 -7.59
N ARG A 232 -22.57 26.72 -10.28
CA ARG A 232 -21.54 27.52 -10.93
C ARG A 232 -20.16 27.12 -10.44
N ARG A 233 -20.07 26.79 -9.15
CA ARG A 233 -18.81 26.33 -8.59
C ARG A 233 -18.38 24.98 -9.16
N LEU A 234 -19.29 24.01 -9.22
CA LEU A 234 -18.95 22.71 -9.79
C LEU A 234 -18.37 22.89 -11.18
N ILE A 235 -19.17 23.54 -12.02
CA ILE A 235 -18.82 23.81 -13.41
C ILE A 235 -17.46 24.50 -13.54
N ASP A 236 -17.17 25.41 -12.59
CA ASP A 236 -15.94 26.20 -12.63
C ASP A 236 -14.72 25.44 -12.11
N GLU A 237 -14.90 24.61 -11.10
CA GLU A 237 -13.76 23.87 -10.57
C GLU A 237 -13.62 22.50 -11.22
N GLN A 238 -14.61 22.11 -12.01
CA GLN A 238 -14.58 20.80 -12.67
C GLN A 238 -14.43 19.70 -11.63
N ILE A 239 -15.07 19.89 -10.49
CA ILE A 239 -15.14 18.86 -9.47
C ILE A 239 -16.03 17.72 -9.98
N PRO A 240 -15.50 16.50 -9.98
CA PRO A 240 -16.28 15.39 -10.56
C PRO A 240 -17.48 15.01 -9.69
N LEU A 241 -18.58 14.60 -10.34
CA LEU A 241 -19.72 13.98 -9.65
C LEU A 241 -19.90 12.52 -10.07
N THR A 242 -19.96 11.63 -9.08
CA THR A 242 -20.18 10.23 -9.36
C THR A 242 -21.68 9.91 -9.25
N VAL A 243 -22.38 10.15 -10.35
CA VAL A 243 -23.83 10.01 -10.43
C VAL A 243 -24.22 8.54 -10.66
N CYS A 244 -25.31 8.12 -10.03
CA CYS A 244 -25.77 6.75 -10.12
C CYS A 244 -27.24 6.73 -10.53
N PRO A 245 -27.51 6.57 -11.84
CA PRO A 245 -28.86 6.64 -12.39
C PRO A 245 -29.87 5.66 -11.77
N LEU A 246 -29.60 4.35 -11.80
CA LEU A 246 -30.56 3.37 -11.31
C LEU A 246 -30.75 3.44 -9.80
N SER A 247 -29.69 3.78 -9.10
CA SER A 247 -29.74 3.95 -7.66
C SER A 247 -30.72 5.08 -7.27
N ASN A 248 -30.63 6.21 -7.98
CA ASN A 248 -31.51 7.35 -7.74
C ASN A 248 -32.98 7.02 -8.05
N THR A 249 -33.18 6.34 -9.18
CA THR A 249 -34.47 5.75 -9.54
C THR A 249 -35.01 4.78 -8.48
N LYS A 250 -34.22 3.77 -8.12
CA LYS A 250 -34.67 2.77 -7.16
C LYS A 250 -34.87 3.32 -5.75
N LEU A 251 -34.09 4.30 -5.33
CA LEU A 251 -34.27 4.88 -4.02
C LEU A 251 -35.26 6.05 -4.01
N CYS A 252 -35.88 6.30 -5.16
CA CYS A 252 -36.94 7.32 -5.28
C CYS A 252 -36.43 8.76 -5.21
N VAL A 253 -35.14 8.95 -5.46
CA VAL A 253 -34.58 10.29 -5.55
C VAL A 253 -35.30 11.00 -6.69
N PHE A 254 -35.43 10.30 -7.81
CA PHE A 254 -36.25 10.76 -8.92
C PHE A 254 -37.40 9.81 -9.06
N ASP A 255 -38.59 10.35 -9.32
CA ASP A 255 -39.77 9.52 -9.42
C ASP A 255 -39.76 8.70 -10.71
N ASP A 256 -38.87 9.07 -11.62
CA ASP A 256 -38.73 8.38 -12.88
C ASP A 256 -37.37 8.68 -13.51
N SER A 258 -36.91 9.41 -16.56
CA SER A 258 -37.11 10.53 -17.49
C SER A 258 -36.91 11.87 -16.79
N GLN A 259 -36.93 11.87 -15.47
CA GLN A 259 -36.77 13.10 -14.70
C GLN A 259 -35.34 13.31 -14.19
N HIS A 260 -34.42 12.44 -14.57
CA HIS A 260 -33.06 12.54 -14.07
C HIS A 260 -32.33 13.71 -14.72
N THR A 261 -31.51 14.39 -13.94
CA THR A 261 -30.93 15.64 -14.36
C THR A 261 -29.47 15.50 -14.77
N ILE A 262 -29.01 14.26 -14.94
CA ILE A 262 -27.58 14.05 -15.22
C ILE A 262 -27.16 14.56 -16.61
N LEU A 263 -28.05 14.45 -17.58
CA LEU A 263 -27.73 14.96 -18.90
C LEU A 263 -27.82 16.49 -18.92
N ASP A 264 -28.73 17.05 -18.13
CA ASP A 264 -28.80 18.51 -17.96
C ASP A 264 -27.48 19.05 -17.42
N LEU A 266 -24.62 17.54 -17.47
CA LEU A 266 -23.59 17.30 -18.49
C LEU A 266 -23.53 18.49 -19.45
N GLU A 267 -24.68 18.85 -19.99
CA GLU A 267 -24.73 19.93 -20.97
C GLU A 267 -24.29 21.26 -20.35
N ARG A 268 -24.67 21.50 -19.10
CA ARG A 268 -24.21 22.71 -18.41
C ARG A 268 -22.69 22.76 -18.18
N GLY A 269 -22.04 21.60 -18.18
CA GLY A 269 -20.59 21.54 -18.02
C GLY A 269 -20.10 20.93 -16.72
N VAL A 270 -21.04 20.46 -15.90
CA VAL A 270 -20.70 19.71 -14.69
C VAL A 270 -20.01 18.43 -15.11
N LYS A 271 -18.88 18.13 -14.46
CA LYS A 271 -18.07 16.98 -14.85
C LYS A 271 -18.62 15.71 -14.25
N VAL A 272 -19.81 15.33 -14.68
CA VAL A 272 -20.50 14.18 -14.14
C VAL A 272 -19.97 12.87 -14.73
N THR A 273 -20.15 11.79 -13.98
CA THR A 273 -19.81 10.45 -14.48
C THR A 273 -20.97 9.46 -14.27
N VAL A 274 -20.86 8.28 -14.88
CA VAL A 274 -21.90 7.26 -14.72
C VAL A 274 -21.37 6.08 -13.90
N ASN A 275 -22.14 5.66 -12.90
CA ASN A 275 -21.72 4.60 -11.99
C ASN A 275 -22.90 3.74 -11.61
N SER A 276 -22.65 2.51 -11.16
CA SER A 276 -23.72 1.58 -10.79
C SER A 276 -24.06 1.56 -9.29
N ASP A 277 -23.13 1.99 -8.44
CA ASP A 277 -23.40 2.18 -7.01
C ASP A 277 -23.56 0.89 -6.20
N ASP A 278 -24.76 0.32 -6.23
CA ASP A 278 -25.04 -0.97 -5.62
C ASP A 278 -25.79 -1.83 -6.64
N PRO A 279 -25.06 -2.40 -7.61
CA PRO A 279 -25.60 -3.04 -8.82
C PRO A 279 -26.50 -4.25 -8.55
N ALA A 280 -26.23 -5.00 -7.47
CA ALA A 280 -27.01 -6.18 -7.13
C ALA A 280 -28.38 -5.78 -6.59
N TYR A 281 -28.47 -4.56 -6.09
CA TYR A 281 -29.68 -4.09 -5.45
C TYR A 281 -30.50 -3.22 -6.38
N PHE A 282 -29.84 -2.62 -7.36
CA PHE A 282 -30.54 -1.70 -8.24
C PHE A 282 -30.72 -2.30 -9.63
N GLY A 283 -30.32 -3.56 -9.78
CA GLY A 283 -30.58 -4.31 -10.99
C GLY A 283 -29.86 -3.84 -12.23
N GLY A 284 -28.59 -3.48 -12.08
CA GLY A 284 -27.80 -3.12 -13.23
C GLY A 284 -26.40 -2.68 -12.87
N TYR A 285 -25.46 -3.02 -13.75
CA TYR A 285 -24.10 -2.56 -13.61
C TYR A 285 -23.91 -1.30 -14.45
N VAL A 286 -22.67 -0.86 -14.64
CA VAL A 286 -22.45 0.45 -15.24
C VAL A 286 -23.05 0.59 -16.65
N THR A 287 -22.85 -0.42 -17.50
CA THR A 287 -23.42 -0.45 -18.85
C THR A 287 -24.94 -0.33 -18.83
N GLU A 288 -25.56 -0.88 -17.80
CA GLU A 288 -27.00 -0.83 -17.68
C GLU A 288 -27.46 0.55 -17.25
N ASN A 289 -26.55 1.28 -16.61
CA ASN A 289 -26.84 2.65 -16.23
C ASN A 289 -26.78 3.60 -17.44
N PHE A 290 -25.76 3.45 -18.28
CA PHE A 290 -25.67 4.19 -19.54
C PHE A 290 -26.90 3.95 -20.38
N HIS A 291 -27.33 2.69 -20.40
CA HIS A 291 -28.43 2.25 -21.23
C HIS A 291 -29.72 2.94 -20.80
N ALA A 292 -29.96 2.95 -19.49
CA ALA A 292 -31.11 3.65 -18.93
C ALA A 292 -31.16 5.12 -19.37
N LEU A 293 -30.00 5.76 -19.44
CA LEU A 293 -29.93 7.16 -19.89
C LEU A 293 -30.38 7.32 -21.33
N GLN A 294 -29.93 6.39 -22.17
CA GLN A 294 -30.27 6.39 -23.58
C GLN A 294 -31.77 6.13 -23.75
N GLN A 295 -32.26 5.12 -23.06
CA GLN A 295 -33.65 4.74 -23.17
C GLN A 295 -34.61 5.82 -22.65
N SER A 296 -34.37 6.30 -21.44
CA SER A 296 -35.31 7.21 -20.78
C SER A 296 -35.02 8.70 -21.01
N LEU A 297 -33.80 9.04 -21.43
CA LEU A 297 -33.43 10.44 -21.65
C LEU A 297 -32.84 10.69 -23.05
N GLY A 298 -33.00 9.73 -23.95
CA GLY A 298 -32.46 9.85 -25.29
C GLY A 298 -31.04 10.39 -25.31
N THR A 300 -27.27 10.63 -26.29
CA THR A 300 -26.64 10.36 -27.58
C THR A 300 -25.30 9.67 -27.40
N GLU A 301 -24.80 9.05 -28.47
CA GLU A 301 -23.47 8.47 -28.46
C GLU A 301 -22.49 9.55 -28.08
N GLU A 302 -22.77 10.73 -28.61
CA GLU A 302 -21.99 11.92 -28.32
C GLU A 302 -21.80 12.08 -26.80
N GLN A 303 -22.92 12.09 -26.09
CA GLN A 303 -22.91 12.30 -24.67
C GLN A 303 -22.39 11.06 -23.96
N ALA A 304 -22.53 9.91 -24.62
CA ALA A 304 -22.03 8.67 -24.07
C ALA A 304 -20.53 8.74 -23.95
N ARG A 305 -19.89 9.20 -25.03
CA ARG A 305 -18.44 9.26 -25.10
C ARG A 305 -17.88 10.23 -24.08
N ARG A 306 -18.57 11.35 -23.90
CA ARG A 306 -18.15 12.38 -22.96
C ARG A 306 -18.22 11.90 -21.50
N LEU A 307 -19.31 11.23 -21.14
CA LEU A 307 -19.47 10.68 -19.80
C LEU A 307 -18.39 9.65 -19.46
N ALA A 308 -18.13 8.74 -20.40
CA ALA A 308 -17.10 7.73 -20.24
C ALA A 308 -15.74 8.36 -20.06
N GLN A 309 -15.51 9.46 -20.77
CA GLN A 309 -14.24 10.15 -20.76
C GLN A 309 -14.02 10.89 -19.44
N ASN A 310 -15.09 11.49 -18.92
CA ASN A 310 -15.03 12.17 -17.65
C ASN A 310 -14.60 11.20 -16.57
N SER A 311 -15.15 9.99 -16.64
CA SER A 311 -14.80 8.96 -15.67
C SER A 311 -13.31 8.61 -15.76
N LEU A 312 -12.75 8.57 -16.96
CA LEU A 312 -11.30 8.38 -17.08
C LEU A 312 -10.56 9.58 -16.51
N ASP A 313 -11.01 10.77 -16.88
CA ASP A 313 -10.37 12.00 -16.41
C ASP A 313 -10.41 12.15 -14.89
N ALA A 314 -11.47 11.62 -14.26
CA ALA A 314 -11.70 11.84 -12.83
C ALA A 314 -11.05 10.83 -11.92
N ARG A 315 -10.28 9.90 -12.50
CA ARG A 315 -9.52 8.94 -11.71
C ARG A 315 -8.57 9.63 -10.73
N LEU A 316 -8.33 9.03 -9.57
CA LEU A 316 -7.41 9.61 -8.59
C LEU A 316 -6.00 9.02 -8.69
N TYR B 4 34.14 16.25 3.73
CA TYR B 4 33.09 15.62 4.52
C TYR B 4 31.79 16.39 4.45
N GLU B 5 31.84 17.69 4.74
CA GLU B 5 30.64 18.51 4.66
C GLU B 5 30.10 18.57 3.23
N TRP B 6 31.03 18.54 2.27
CA TRP B 6 30.67 18.52 0.87
C TRP B 6 30.03 17.17 0.56
N LEU B 7 30.58 16.12 1.15
CA LEU B 7 30.03 14.80 0.94
C LEU B 7 28.64 14.75 1.54
N ASN B 8 28.54 15.25 2.78
CA ASN B 8 27.27 15.27 3.49
C ASN B 8 26.22 16.12 2.78
N ALA B 9 26.66 17.10 1.99
CA ALA B 9 25.71 18.01 1.36
C ALA B 9 25.10 17.36 0.13
N LEU B 10 25.81 16.39 -0.44
CA LEU B 10 25.35 15.65 -1.61
C LEU B 10 23.99 14.96 -1.38
N PRO B 11 23.01 15.25 -2.24
CA PRO B 11 21.73 14.54 -2.14
C PRO B 11 21.93 13.05 -2.40
N LYS B 12 21.34 12.22 -1.55
CA LYS B 12 21.57 10.77 -1.58
C LYS B 12 20.28 9.98 -1.43
N ALA B 13 20.23 8.84 -2.11
CA ALA B 13 19.21 7.82 -1.86
C ALA B 13 19.88 6.66 -1.14
N GLU B 14 19.32 6.18 -0.04
CA GLU B 14 19.87 4.98 0.59
C GLU B 14 19.03 3.76 0.22
N LEU B 15 19.65 2.79 -0.43
CA LEU B 15 18.92 1.66 -0.98
C LEU B 15 19.34 0.32 -0.39
N HIS B 16 20.22 0.38 0.61
CA HIS B 16 20.66 -0.82 1.30
C HIS B 16 20.88 -0.49 2.77
N LEU B 17 19.82 -0.62 3.55
CA LEU B 17 19.88 -0.30 4.96
C LEU B 17 18.88 -1.14 5.76
N HIS B 18 19.38 -1.83 6.78
CA HIS B 18 18.51 -2.61 7.65
C HIS B 18 18.07 -1.74 8.82
N LEU B 19 16.75 -1.55 8.95
CA LEU B 19 16.21 -0.77 10.05
C LEU B 19 16.72 -1.33 11.39
N GLU B 20 16.72 -2.65 11.51
CA GLU B 20 17.19 -3.32 12.74
C GLU B 20 18.67 -3.01 13.01
N GLY B 21 19.42 -2.72 11.96
CA GLY B 21 20.84 -2.42 12.07
C GLY B 21 21.11 -0.96 12.35
N THR B 22 20.05 -0.19 12.61
CA THR B 22 20.21 1.20 13.01
C THR B 22 19.96 1.42 14.51
N LEU B 23 19.77 0.32 15.25
CA LEU B 23 19.53 0.35 16.70
C LEU B 23 20.79 0.71 17.51
N GLU B 24 20.98 2.00 17.73
CA GLU B 24 22.03 2.51 18.60
C GLU B 24 21.96 1.91 19.99
N PRO B 25 23.12 1.63 20.59
CA PRO B 25 23.21 1.07 21.92
C PRO B 25 22.35 1.88 22.88
N GLU B 26 22.38 3.20 22.76
CA GLU B 26 21.63 4.07 23.66
C GLU B 26 20.13 3.81 23.54
N LEU B 27 19.65 3.71 22.30
CA LEU B 27 18.23 3.46 22.09
C LEU B 27 17.88 2.06 22.54
N LEU B 28 18.82 1.15 22.42
CA LEU B 28 18.57 -0.22 22.86
C LEU B 28 18.43 -0.27 24.39
N PHE B 29 19.30 0.42 25.10
CA PHE B 29 19.19 0.50 26.55
C PHE B 29 17.91 1.20 27.00
N ALA B 30 17.53 2.25 26.27
CA ALA B 30 16.33 3.01 26.59
C ALA B 30 15.06 2.17 26.37
N LEU B 31 14.98 1.48 25.23
CA LEU B 31 13.87 0.60 24.96
C LEU B 31 13.85 -0.56 25.95
N ALA B 32 15.02 -1.13 26.23
CA ALA B 32 15.09 -2.21 27.22
C ALA B 32 14.51 -1.71 28.54
N GLU B 33 14.85 -0.48 28.92
CA GLU B 33 14.33 0.08 30.15
C GLU B 33 12.82 0.31 30.11
N ARG B 34 12.32 0.76 28.97
CA ARG B 34 10.88 0.96 28.82
C ARG B 34 10.14 -0.36 28.90
N ASN B 35 10.73 -1.40 28.32
CA ASN B 35 10.12 -2.73 28.31
C ASN B 35 10.48 -3.59 29.53
N ARG B 36 11.21 -3.00 30.49
CA ARG B 36 11.57 -3.72 31.71
C ARG B 36 12.38 -5.00 31.45
N ILE B 37 13.22 -4.95 30.43
CA ILE B 37 14.09 -6.06 30.07
C ILE B 37 15.45 -5.92 30.76
N ALA B 38 15.83 -6.93 31.53
CA ALA B 38 17.19 -7.01 32.04
C ALA B 38 18.15 -7.45 30.92
N LEU B 39 19.03 -6.56 30.51
CA LEU B 39 19.95 -6.83 29.43
C LEU B 39 21.14 -7.68 29.86
N PRO B 40 21.69 -8.46 28.91
CA PRO B 40 22.91 -9.26 29.04
C PRO B 40 24.14 -8.37 29.20
N TRP B 41 23.99 -7.08 28.94
CA TRP B 41 25.12 -6.16 28.99
C TRP B 41 25.03 -5.27 30.20
N ASN B 42 26.13 -5.17 30.92
CA ASN B 42 26.20 -4.31 32.07
C ASN B 42 25.76 -2.89 31.75
N ASP B 43 26.38 -2.28 30.74
CA ASP B 43 26.05 -0.92 30.34
C ASP B 43 26.38 -0.68 28.86
N VAL B 44 26.07 0.51 28.36
CA VAL B 44 26.23 0.78 26.93
C VAL B 44 27.69 0.75 26.49
N GLU B 45 28.60 1.14 27.38
CA GLU B 45 30.02 1.06 27.07
C GLU B 45 30.36 -0.39 26.79
N THR B 46 29.85 -1.27 27.66
CA THR B 46 30.06 -2.71 27.54
C THR B 46 29.44 -3.28 26.26
N LEU B 47 28.27 -2.78 25.89
CA LEU B 47 27.65 -3.22 24.65
C LEU B 47 28.51 -2.81 23.46
N ARG B 48 28.99 -1.57 23.45
CA ARG B 48 29.69 -1.04 22.29
C ARG B 48 31.03 -1.75 22.03
N LYS B 49 31.60 -2.33 23.09
CA LYS B 49 32.81 -3.13 22.94
C LYS B 49 32.53 -4.46 22.26
N ALA B 50 31.26 -4.82 22.08
CA ALA B 50 30.95 -6.06 21.37
C ALA B 50 30.81 -5.82 19.87
N TYR B 51 30.95 -4.57 19.46
CA TYR B 51 30.81 -4.18 18.05
C TYR B 51 32.09 -4.43 17.26
N ALA B 52 32.68 -5.60 17.44
CA ALA B 52 33.83 -6.00 16.65
C ALA B 52 33.55 -7.40 16.10
N PHE B 53 33.83 -7.61 14.81
CA PHE B 53 33.31 -8.77 14.11
C PHE B 53 34.35 -9.45 13.24
N ASN B 54 34.35 -10.77 13.33
CA ASN B 54 35.32 -11.57 12.61
C ASN B 54 34.75 -12.07 11.29
N ASN B 55 33.41 -12.11 11.22
CA ASN B 55 32.69 -12.48 10.01
C ASN B 55 31.23 -12.06 10.10
N LEU B 56 30.45 -12.35 9.06
CA LEU B 56 29.03 -12.00 9.03
C LEU B 56 28.27 -12.61 10.20
N GLN B 57 28.47 -13.91 10.41
CA GLN B 57 27.74 -14.65 11.44
C GLN B 57 27.88 -14.04 12.82
N GLU B 58 29.10 -13.63 13.14
CA GLU B 58 29.37 -13.05 14.45
C GLU B 58 28.55 -11.78 14.67
N PHE B 59 28.48 -10.93 13.65
CA PHE B 59 27.64 -9.74 13.68
C PHE B 59 26.15 -10.11 13.82
N LEU B 60 25.72 -11.09 13.02
CA LEU B 60 24.34 -11.55 13.05
C LEU B 60 23.89 -12.01 14.45
N ASP B 61 24.81 -12.60 15.19
CA ASP B 61 24.46 -13.06 16.53
C ASP B 61 24.14 -11.89 17.44
N LEU B 62 24.99 -10.87 17.43
CA LEU B 62 24.76 -9.65 18.21
C LEU B 62 23.50 -8.97 17.72
N TYR B 63 23.41 -8.87 16.39
CA TYR B 63 22.37 -8.15 15.68
C TYR B 63 20.98 -8.69 16.02
N TYR B 64 20.82 -10.01 16.06
CA TYR B 64 19.52 -10.60 16.37
C TYR B 64 19.18 -10.51 17.87
N ALA B 65 20.20 -10.67 18.72
CA ALA B 65 20.02 -10.55 20.15
C ALA B 65 19.49 -9.16 20.54
N GLY B 66 19.90 -8.14 19.79
CA GLY B 66 19.52 -6.77 20.08
C GLY B 66 18.05 -6.53 19.84
N ALA B 67 17.50 -7.18 18.82
CA ALA B 67 16.09 -7.00 18.45
C ALA B 67 15.12 -7.32 19.58
N ASP B 68 15.56 -8.13 20.55
CA ASP B 68 14.76 -8.46 21.72
C ASP B 68 14.07 -7.22 22.31
N VAL B 69 14.73 -6.07 22.24
CA VAL B 69 14.17 -4.84 22.80
C VAL B 69 12.97 -4.34 22.00
N LEU B 70 12.85 -4.78 20.76
CA LEU B 70 11.77 -4.27 19.92
C LEU B 70 10.50 -5.10 20.10
N ARG B 71 9.53 -4.55 20.83
CA ARG B 71 8.33 -5.30 21.16
C ARG B 71 7.04 -4.55 20.87
N THR B 72 7.11 -3.23 21.08
CA THR B 72 5.96 -2.33 20.98
C THR B 72 5.95 -1.64 19.62
N GLU B 73 4.77 -1.25 19.14
CA GLU B 73 4.65 -0.37 17.97
C GLU B 73 5.49 0.90 18.15
N GLN B 74 5.41 1.49 19.33
CA GLN B 74 6.19 2.70 19.62
C GLN B 74 7.69 2.42 19.49
N ASP B 75 8.12 1.23 19.93
CA ASP B 75 9.50 0.78 19.77
C ASP B 75 9.92 0.86 18.30
N PHE B 76 9.10 0.27 17.43
CA PHE B 76 9.40 0.26 16.00
C PHE B 76 9.37 1.66 15.39
N TYR B 77 8.47 2.51 15.89
CA TYR B 77 8.42 3.90 15.48
C TYR B 77 9.71 4.63 15.89
N ASP B 78 10.08 4.52 17.17
CA ASP B 78 11.27 5.17 17.71
C ASP B 78 12.52 4.81 16.91
N LEU B 79 12.63 3.52 16.56
CA LEU B 79 13.77 3.02 15.81
C LEU B 79 13.85 3.65 14.41
N THR B 80 12.73 3.57 13.70
CA THR B 80 12.60 4.08 12.33
C THR B 80 12.71 5.60 12.28
N TRP B 81 12.05 6.27 13.23
CA TRP B 81 12.07 7.72 13.32
C TRP B 81 13.50 8.24 13.57
N ALA B 82 14.24 7.56 14.45
CA ALA B 82 15.64 7.92 14.68
C ALA B 82 16.52 7.83 13.42
N TYR B 83 16.31 6.77 12.64
CA TYR B 83 17.06 6.62 11.39
C TYR B 83 16.72 7.73 10.41
N LEU B 84 15.45 8.13 10.40
CA LEU B 84 15.00 9.11 9.44
C LEU B 84 15.59 10.49 9.76
N GLN B 85 15.68 10.80 11.05
CA GLN B 85 16.31 12.06 11.44
C GLN B 85 17.77 12.08 11.01
N LYS B 86 18.41 10.92 11.14
CA LYS B 86 19.75 10.73 10.60
C LYS B 86 19.85 11.04 9.10
N CYS B 87 18.87 10.58 8.33
CA CYS B 87 18.87 10.80 6.88
C CYS B 87 18.72 12.29 6.59
N LYS B 88 17.84 12.94 7.34
CA LYS B 88 17.64 14.36 7.20
C LYS B 88 18.96 15.10 7.37
N ALA B 89 19.73 14.72 8.39
CA ALA B 89 21.00 15.36 8.67
C ALA B 89 22.05 15.07 7.61
N GLN B 90 21.89 13.97 6.87
CA GLN B 90 22.89 13.60 5.87
C GLN B 90 22.37 13.76 4.46
N ASN B 91 21.30 14.53 4.31
CA ASN B 91 20.71 14.83 3.01
C ASN B 91 20.37 13.58 2.18
N VAL B 92 20.10 12.48 2.88
CA VAL B 92 19.39 11.36 2.30
C VAL B 92 17.96 11.83 2.04
N VAL B 93 17.55 11.87 0.78
CA VAL B 93 16.23 12.39 0.42
C VAL B 93 15.27 11.26 0.09
N HIS B 94 15.84 10.08 -0.13
CA HIS B 94 15.05 8.92 -0.49
C HIS B 94 15.59 7.68 0.23
N VAL B 95 14.69 6.90 0.80
CA VAL B 95 15.08 5.69 1.53
C VAL B 95 14.27 4.49 1.03
N GLU B 96 14.95 3.35 0.85
CA GLU B 96 14.29 2.08 0.52
C GLU B 96 14.80 0.96 1.42
N PRO B 97 14.52 1.09 2.73
CA PRO B 97 15.10 0.28 3.79
C PRO B 97 14.50 -1.12 3.88
N PHE B 98 15.25 -2.04 4.47
CA PHE B 98 14.78 -3.38 4.75
C PHE B 98 14.24 -3.47 6.16
N PHE B 99 13.32 -4.41 6.39
CA PHE B 99 13.09 -4.91 7.74
C PHE B 99 12.96 -6.44 7.68
N ASP B 100 13.25 -7.11 8.79
CA ASP B 100 13.19 -8.57 8.86
C ASP B 100 12.02 -9.00 9.74
N PRO B 101 10.81 -9.10 9.17
CA PRO B 101 9.60 -9.42 9.94
C PRO B 101 9.76 -10.67 10.82
N GLN B 102 10.39 -11.70 10.28
CA GLN B 102 10.44 -12.97 10.98
C GLN B 102 11.15 -12.83 12.31
N THR B 103 12.19 -12.00 12.34
CA THR B 103 12.93 -11.75 13.57
C THR B 103 11.98 -11.36 14.69
N HIS B 104 10.98 -10.57 14.35
CA HIS B 104 10.04 -10.08 15.34
C HIS B 104 8.87 -11.01 15.52
N THR B 105 8.24 -11.42 14.42
CA THR B 105 7.11 -12.32 14.49
C THR B 105 7.47 -13.61 15.22
N ASP B 106 8.63 -14.17 14.91
CA ASP B 106 9.09 -15.39 15.58
C ASP B 106 9.15 -15.24 17.10
N ARG B 107 9.38 -14.01 17.57
CA ARG B 107 9.46 -13.71 18.99
C ARG B 107 8.07 -13.44 19.59
N GLY B 108 7.03 -13.59 18.79
CA GLY B 108 5.68 -13.41 19.25
C GLY B 108 5.11 -12.05 18.93
N ILE B 109 5.91 -11.18 18.30
CA ILE B 109 5.46 -9.84 17.95
C ILE B 109 4.56 -9.89 16.71
N PRO B 110 3.36 -9.26 16.79
CA PRO B 110 2.44 -9.30 15.65
C PRO B 110 3.00 -8.56 14.45
N PHE B 111 2.79 -9.12 13.26
CA PHE B 111 3.23 -8.54 12.02
C PHE B 111 2.73 -7.10 11.90
N GLU B 112 1.47 -6.89 12.28
CA GLU B 112 0.84 -5.59 12.13
C GLU B 112 1.43 -4.53 13.06
N VAL B 113 1.90 -4.95 14.23
CA VAL B 113 2.53 -4.00 15.16
C VAL B 113 3.85 -3.50 14.58
N VAL B 114 4.62 -4.42 14.01
CA VAL B 114 5.90 -4.09 13.41
C VAL B 114 5.71 -3.07 12.29
N LEU B 115 4.73 -3.36 11.42
CA LEU B 115 4.44 -2.52 10.27
C LEU B 115 3.85 -1.17 10.68
N ALA B 116 3.01 -1.17 11.70
CA ALA B 116 2.41 0.08 12.12
C ALA B 116 3.50 1.08 12.51
N GLY B 117 4.37 0.67 13.43
CA GLY B 117 5.43 1.54 13.90
C GLY B 117 6.29 2.10 12.79
N ILE B 118 6.72 1.23 11.88
CA ILE B 118 7.58 1.61 10.76
C ILE B 118 6.85 2.57 9.83
N ARG B 119 5.69 2.13 9.37
CA ARG B 119 4.85 2.88 8.44
C ARG B 119 4.52 4.26 8.97
N ALA B 120 4.20 4.32 10.26
CA ALA B 120 3.95 5.60 10.92
C ALA B 120 5.17 6.49 10.76
N ALA B 121 6.36 5.99 11.08
CA ALA B 121 7.54 6.83 11.00
C ALA B 121 7.83 7.30 9.57
N LEU B 122 7.61 6.43 8.57
CA LEU B 122 7.84 6.81 7.19
C LEU B 122 6.95 7.97 6.73
N ARG B 123 5.70 7.98 7.20
CA ARG B 123 4.80 9.07 6.89
C ARG B 123 5.32 10.41 7.43
N ASP B 124 5.77 10.41 8.68
CA ASP B 124 6.35 11.62 9.25
C ASP B 124 7.60 12.00 8.45
N GLY B 125 8.37 11.00 8.04
CA GLY B 125 9.56 11.22 7.24
C GLY B 125 9.16 11.92 5.96
N GLU B 126 8.17 11.34 5.28
CA GLU B 126 7.64 11.93 4.06
C GLU B 126 7.11 13.35 4.31
N LYS B 127 6.11 13.50 5.17
CA LYS B 127 5.45 14.80 5.33
C LYS B 127 6.23 15.89 6.09
N LEU B 128 7.01 15.50 7.11
CA LEU B 128 7.78 16.47 7.90
C LEU B 128 9.21 16.67 7.39
N LEU B 129 9.81 15.61 6.84
CA LEU B 129 11.20 15.66 6.43
C LEU B 129 11.36 15.69 4.92
N GLY B 130 10.29 15.39 4.19
CA GLY B 130 10.37 15.38 2.74
C GLY B 130 11.11 14.18 2.21
N ILE B 131 11.31 13.16 3.05
CA ILE B 131 12.00 11.95 2.61
C ILE B 131 11.06 10.90 2.02
N ARG B 132 11.24 10.57 0.75
CA ARG B 132 10.44 9.53 0.11
C ARG B 132 10.93 8.14 0.47
N HIS B 133 10.04 7.16 0.37
CA HIS B 133 10.35 5.83 0.88
C HIS B 133 9.71 4.69 0.08
N GLY B 134 10.33 3.52 0.16
CA GLY B 134 9.78 2.30 -0.40
C GLY B 134 10.20 1.11 0.46
N LEU B 135 9.33 0.73 1.38
CA LEU B 135 9.69 -0.31 2.35
C LEU B 135 9.90 -1.67 1.69
N ILE B 136 11.00 -2.32 2.05
CA ILE B 136 11.35 -3.64 1.52
C ILE B 136 11.31 -4.70 2.62
N LEU B 137 10.44 -5.69 2.45
CA LEU B 137 10.33 -6.83 3.38
C LEU B 137 11.39 -7.88 3.05
N SER B 138 12.26 -8.16 4.02
CA SER B 138 13.33 -9.11 3.81
C SER B 138 13.02 -10.45 4.50
N PHE B 139 13.33 -11.56 3.81
CA PHE B 139 13.17 -12.91 4.35
C PHE B 139 14.49 -13.34 4.98
N LEU B 140 14.41 -14.02 6.12
CA LEU B 140 15.62 -14.55 6.77
C LEU B 140 16.07 -15.84 6.10
N ARG B 141 17.19 -15.77 5.38
CA ARG B 141 17.61 -16.87 4.49
C ARG B 141 18.06 -18.15 5.21
N HIS B 142 18.42 -18.06 6.49
CA HIS B 142 18.90 -19.22 7.22
C HIS B 142 17.73 -20.07 7.70
N LEU B 143 16.52 -19.53 7.55
CA LEU B 143 15.31 -20.29 7.88
C LEU B 143 14.76 -20.97 6.61
N SER B 144 13.75 -21.83 6.77
CA SER B 144 13.22 -22.56 5.62
C SER B 144 12.47 -21.66 4.65
N GLU B 145 12.36 -22.11 3.40
CA GLU B 145 11.51 -21.44 2.44
C GLU B 145 10.06 -21.43 2.91
N GLU B 146 9.66 -22.47 3.65
CA GLU B 146 8.30 -22.59 4.13
C GLU B 146 7.98 -21.48 5.14
N GLN B 147 8.93 -21.19 6.03
CA GLN B 147 8.77 -20.07 6.93
C GLN B 147 8.60 -18.75 6.17
N ALA B 148 9.42 -18.54 5.14
CA ALA B 148 9.31 -17.36 4.30
C ALA B 148 7.95 -17.26 3.60
N GLN B 149 7.46 -18.41 3.13
CA GLN B 149 6.13 -18.51 2.52
C GLN B 149 5.04 -18.03 3.48
N LYS B 150 5.17 -18.42 4.74
CA LYS B 150 4.18 -18.04 5.74
C LYS B 150 4.21 -16.54 5.98
N THR B 151 5.41 -15.95 5.86
CA THR B 151 5.58 -14.52 6.02
C THR B 151 5.01 -13.79 4.81
N LEU B 152 5.27 -14.30 3.62
CA LEU B 152 4.67 -13.71 2.43
C LEU B 152 3.16 -13.65 2.59
N ASP B 153 2.60 -14.67 3.25
CA ASP B 153 1.16 -14.75 3.47
C ASP B 153 0.65 -13.66 4.41
N GLN B 154 1.36 -13.46 5.51
CA GLN B 154 0.98 -12.40 6.42
C GLN B 154 1.05 -11.05 5.71
N ALA B 155 1.90 -10.96 4.70
CA ALA B 155 2.11 -9.68 4.02
C ALA B 155 1.19 -9.37 2.85
N LEU B 156 0.52 -10.39 2.30
CA LEU B 156 -0.33 -10.16 1.13
C LEU B 156 -1.37 -9.05 1.31
N PRO B 157 -2.13 -9.06 2.43
CA PRO B 157 -3.08 -7.97 2.62
C PRO B 157 -2.36 -6.63 2.80
N PHE B 158 -1.09 -6.67 3.20
CA PHE B 158 -0.27 -5.45 3.33
C PHE B 158 0.57 -5.13 2.10
N ARG B 159 0.41 -5.90 1.02
CA ARG B 159 1.38 -5.84 -0.05
C ARG B 159 1.70 -4.41 -0.50
N ASP B 160 0.70 -3.54 -0.52
CA ASP B 160 0.90 -2.15 -0.97
C ASP B 160 1.90 -1.33 -0.14
N ALA B 161 2.26 -1.82 1.05
CA ALA B 161 3.24 -1.15 1.89
C ALA B 161 4.68 -1.45 1.47
N PHE B 162 4.86 -2.47 0.64
CA PHE B 162 6.21 -2.91 0.24
C PHE B 162 6.40 -2.79 -1.26
N ILE B 163 7.54 -2.24 -1.67
CA ILE B 163 7.85 -2.15 -3.10
C ILE B 163 8.48 -3.44 -3.59
N ALA B 164 9.00 -4.22 -2.65
CA ALA B 164 9.77 -5.41 -2.98
C ALA B 164 9.99 -6.32 -1.77
N VAL B 165 10.44 -7.54 -2.07
CA VAL B 165 10.89 -8.46 -1.06
C VAL B 165 12.40 -8.56 -1.25
N GLY B 166 13.11 -8.92 -0.17
CA GLY B 166 14.54 -9.10 -0.21
C GLY B 166 15.00 -10.34 0.56
N LEU B 167 16.29 -10.63 0.49
CA LEU B 167 16.85 -11.78 1.18
C LEU B 167 18.14 -11.43 1.94
N ASP B 168 18.17 -11.74 3.23
CA ASP B 168 19.36 -11.46 4.02
C ASP B 168 19.61 -12.58 5.03
N SER B 169 20.54 -12.32 5.95
CA SER B 169 21.01 -13.29 6.92
C SER B 169 22.16 -14.15 6.37
N SER B 170 22.49 -15.24 7.06
CA SER B 170 23.64 -16.10 6.70
C SER B 170 23.63 -16.49 5.24
N GLU B 171 24.65 -16.09 4.49
CA GLU B 171 24.62 -16.31 3.05
C GLU B 171 25.15 -17.69 2.60
N VAL B 172 26.37 -18.02 2.97
CA VAL B 172 26.93 -19.27 2.45
C VAL B 172 26.17 -20.46 3.00
N GLY B 173 25.78 -21.37 2.12
CA GLY B 173 25.02 -22.55 2.51
C GLY B 173 23.53 -22.35 2.31
N HIS B 174 23.12 -21.11 2.01
CA HIS B 174 21.72 -20.80 1.73
C HIS B 174 21.58 -20.00 0.43
N PRO B 175 21.69 -20.69 -0.71
CA PRO B 175 21.65 -20.01 -2.01
C PRO B 175 20.30 -19.38 -2.28
N PRO B 176 20.25 -18.40 -3.20
CA PRO B 176 19.00 -17.81 -3.69
C PRO B 176 17.99 -18.85 -4.16
N SER B 177 18.46 -19.95 -4.75
CA SER B 177 17.59 -21.02 -5.26
C SER B 177 16.73 -21.62 -4.17
N LYS B 178 17.20 -21.49 -2.93
CA LYS B 178 16.49 -22.01 -1.78
C LYS B 178 15.13 -21.30 -1.58
N PHE B 179 14.98 -20.11 -2.16
CA PHE B 179 13.76 -19.32 -2.01
C PHE B 179 13.18 -18.91 -3.34
N GLN B 180 13.43 -19.73 -4.37
CA GLN B 180 12.94 -19.43 -5.68
C GLN B 180 11.40 -19.38 -5.77
N ARG B 181 10.72 -20.32 -5.11
CA ARG B 181 9.26 -20.39 -5.24
C ARG B 181 8.54 -19.26 -4.51
N VAL B 182 9.03 -18.90 -3.32
CA VAL B 182 8.46 -17.77 -2.60
C VAL B 182 8.72 -16.46 -3.39
N PHE B 183 9.88 -16.35 -4.02
CA PHE B 183 10.19 -15.18 -4.84
C PHE B 183 9.35 -15.15 -6.10
N ASP B 184 9.17 -16.33 -6.70
CA ASP B 184 8.23 -16.50 -7.80
C ASP B 184 6.84 -16.04 -7.37
N ARG B 185 6.37 -16.54 -6.23
CA ARG B 185 5.03 -16.19 -5.76
C ARG B 185 4.93 -14.71 -5.45
N ALA B 186 5.95 -14.17 -4.79
CA ALA B 186 5.98 -12.72 -4.52
C ALA B 186 5.90 -11.87 -5.80
N ARG B 187 6.68 -12.23 -6.83
CA ARG B 187 6.59 -11.49 -8.10
C ARG B 187 5.19 -11.64 -8.70
N SER B 188 4.61 -12.81 -8.50
CA SER B 188 3.27 -13.06 -8.99
C SER B 188 2.26 -12.17 -8.25
N GLU B 189 2.47 -11.99 -6.96
CA GLU B 189 1.56 -11.19 -6.15
C GLU B 189 1.76 -9.67 -6.26
N GLY B 190 2.76 -9.23 -7.01
CA GLY B 190 2.91 -7.81 -7.28
C GLY B 190 4.18 -7.17 -6.73
N PHE B 191 5.03 -7.95 -6.06
CA PHE B 191 6.27 -7.42 -5.49
C PHE B 191 7.40 -7.42 -6.52
N LEU B 192 8.27 -6.41 -6.44
CA LEU B 192 9.56 -6.49 -7.09
C LEU B 192 10.47 -7.31 -6.17
N THR B 193 11.67 -7.62 -6.64
CA THR B 193 12.60 -8.41 -5.86
C THR B 193 13.99 -7.81 -5.80
N VAL B 194 14.69 -8.04 -4.68
CA VAL B 194 16.10 -7.71 -4.51
C VAL B 194 16.71 -8.77 -3.60
N ALA B 195 18.03 -8.87 -3.57
CA ALA B 195 18.66 -9.88 -2.73
C ALA B 195 20.11 -9.57 -2.38
N HIS B 196 20.53 -10.00 -1.19
CA HIS B 196 21.93 -10.00 -0.83
C HIS B 196 22.57 -11.15 -1.62
N ALA B 197 23.74 -10.89 -2.16
CA ALA B 197 24.45 -11.86 -2.97
C ALA B 197 25.85 -11.36 -3.24
N GLY B 198 26.84 -12.21 -3.03
CA GLY B 198 28.21 -11.84 -3.35
C GLY B 198 28.87 -11.10 -2.22
N GLU B 199 28.29 -11.21 -1.03
CA GLU B 199 28.89 -10.63 0.16
C GLU B 199 29.91 -11.63 0.68
N GLU B 200 29.44 -12.76 1.18
CA GLU B 200 30.30 -13.87 1.55
C GLU B 200 30.08 -15.02 0.57
N GLY B 201 28.99 -14.95 -0.18
CA GLY B 201 28.64 -15.98 -1.14
C GLY B 201 29.36 -15.81 -2.46
N PRO B 202 29.53 -16.93 -3.18
CA PRO B 202 30.27 -16.98 -4.46
C PRO B 202 29.50 -16.31 -5.60
N PRO B 203 30.19 -15.93 -6.69
CA PRO B 203 29.59 -15.29 -7.87
C PRO B 203 28.34 -16.02 -8.38
N GLU B 204 28.28 -17.33 -8.15
CA GLU B 204 27.17 -18.14 -8.64
C GLU B 204 25.85 -17.80 -7.94
N TYR B 205 25.93 -17.37 -6.69
CA TYR B 205 24.76 -16.92 -5.97
C TYR B 205 24.24 -15.64 -6.61
N ILE B 206 25.15 -14.84 -7.16
CA ILE B 206 24.76 -13.61 -7.81
C ILE B 206 24.03 -13.95 -9.09
N TRP B 207 24.51 -14.99 -9.77
CA TRP B 207 23.86 -15.48 -10.98
C TRP B 207 22.45 -15.96 -10.64
N GLU B 208 22.36 -16.68 -9.53
CA GLU B 208 21.09 -17.22 -9.09
C GLU B 208 20.14 -16.09 -8.75
N ALA B 209 20.67 -15.09 -8.05
CA ALA B 209 19.85 -13.97 -7.63
C ALA B 209 19.28 -13.28 -8.87
N LEU B 210 20.10 -13.15 -9.90
CA LEU B 210 19.66 -12.51 -11.14
C LEU B 210 18.66 -13.37 -11.92
N ASP B 211 18.98 -14.65 -12.05
CA ASP B 211 18.24 -15.50 -12.97
C ASP B 211 17.09 -16.27 -12.32
N LEU B 212 17.26 -16.66 -11.05
CA LEU B 212 16.24 -17.43 -10.34
C LEU B 212 15.26 -16.53 -9.58
N LEU B 213 15.81 -15.55 -8.85
CA LEU B 213 14.98 -14.60 -8.10
C LEU B 213 14.59 -13.36 -8.92
N LYS B 214 15.26 -13.19 -10.06
CA LYS B 214 14.96 -12.15 -11.03
C LYS B 214 14.94 -10.74 -10.44
N VAL B 215 15.95 -10.44 -9.64
CA VAL B 215 16.04 -9.18 -8.88
C VAL B 215 16.20 -7.91 -9.73
N GLU B 216 15.69 -6.79 -9.21
CA GLU B 216 15.87 -5.47 -9.83
C GLU B 216 17.26 -4.91 -9.52
N ARG B 217 17.81 -5.35 -8.38
CA ARG B 217 19.18 -5.01 -8.03
C ARG B 217 19.84 -6.05 -7.11
N ILE B 218 21.15 -5.94 -6.97
CA ILE B 218 21.96 -6.84 -6.17
C ILE B 218 22.48 -6.11 -4.94
N ASP B 219 22.38 -6.76 -3.78
CA ASP B 219 22.82 -6.18 -2.53
C ASP B 219 24.19 -6.71 -2.10
N HIS B 220 25.12 -5.78 -1.87
CA HIS B 220 26.56 -6.08 -1.80
C HIS B 220 27.05 -6.36 -3.21
N GLY B 221 27.26 -7.64 -3.54
CA GLY B 221 27.64 -8.02 -4.88
C GLY B 221 29.12 -7.88 -5.17
N VAL B 222 29.89 -7.47 -4.16
CA VAL B 222 31.33 -7.25 -4.34
C VAL B 222 32.05 -8.44 -4.96
N ARG B 223 31.60 -9.65 -4.64
CA ARG B 223 32.25 -10.86 -5.18
C ARG B 223 31.90 -11.15 -6.65
N ALA B 224 31.28 -10.19 -7.32
CA ALA B 224 31.09 -10.30 -8.76
C ALA B 224 32.41 -10.02 -9.47
N PHE B 225 33.36 -9.44 -8.74
CA PHE B 225 34.57 -8.92 -9.37
C PHE B 225 35.38 -10.06 -9.95
N GLU B 226 35.32 -11.20 -9.27
CA GLU B 226 35.98 -12.42 -9.72
C GLU B 226 35.55 -12.84 -11.13
N ASP B 227 34.25 -12.85 -11.35
CA ASP B 227 33.66 -13.44 -12.55
C ASP B 227 33.51 -12.42 -13.67
N GLU B 228 34.28 -12.62 -14.74
CA GLU B 228 34.33 -11.68 -15.87
C GLU B 228 33.03 -11.58 -16.64
N ARG B 229 32.50 -12.72 -17.07
CA ARG B 229 31.23 -12.76 -17.79
C ARG B 229 30.16 -12.02 -16.99
N LEU B 230 30.05 -12.34 -15.70
CA LEU B 230 29.05 -11.73 -14.81
C LEU B 230 29.20 -10.22 -14.82
N ARG B 232 30.41 -8.39 -17.00
CA ARG B 232 29.96 -7.81 -18.28
C ARG B 232 28.48 -7.54 -18.25
N ARG B 233 27.74 -8.55 -17.82
CA ARG B 233 26.29 -8.47 -17.79
C ARG B 233 25.83 -7.36 -16.88
N LEU B 234 26.36 -7.34 -15.67
CA LEU B 234 26.13 -6.26 -14.71
C LEU B 234 26.24 -4.90 -15.39
N ILE B 235 27.31 -4.72 -16.16
CA ILE B 235 27.56 -3.46 -16.85
C ILE B 235 26.65 -3.28 -18.07
N ASP B 236 26.55 -4.31 -18.90
CA ASP B 236 25.68 -4.25 -20.08
C ASP B 236 24.26 -3.86 -19.69
N GLU B 237 23.78 -4.42 -18.58
CA GLU B 237 22.38 -4.23 -18.18
C GLU B 237 22.21 -3.08 -17.18
N GLN B 238 23.35 -2.58 -16.68
CA GLN B 238 23.33 -1.53 -15.69
C GLN B 238 22.50 -1.93 -14.47
N ILE B 239 22.71 -3.16 -14.01
CA ILE B 239 22.05 -3.63 -12.81
C ILE B 239 22.75 -3.03 -11.60
N PRO B 240 21.99 -2.30 -10.76
CA PRO B 240 22.60 -1.59 -9.64
C PRO B 240 23.13 -2.54 -8.56
N LEU B 241 24.29 -2.20 -8.00
CA LEU B 241 24.79 -2.85 -6.81
C LEU B 241 24.71 -1.87 -5.66
N THR B 242 24.10 -2.28 -4.56
CA THR B 242 24.09 -1.48 -3.36
C THR B 242 25.28 -1.93 -2.51
N VAL B 243 26.36 -1.18 -2.60
CA VAL B 243 27.60 -1.52 -1.93
C VAL B 243 27.64 -0.83 -0.56
N CYS B 244 28.29 -1.49 0.39
CA CYS B 244 28.34 -1.07 1.78
C CYS B 244 29.76 -1.17 2.34
N PRO B 245 30.55 -0.12 2.13
CA PRO B 245 31.99 -0.09 2.44
C PRO B 245 32.34 -0.40 3.90
N LEU B 246 31.77 0.30 4.88
CA LEU B 246 32.12 0.04 6.29
C LEU B 246 31.69 -1.35 6.74
N SER B 247 30.60 -1.85 6.16
CA SER B 247 30.17 -3.21 6.43
C SER B 247 31.20 -4.22 5.94
N ASN B 248 31.53 -4.15 4.66
CA ASN B 248 32.47 -5.09 4.07
C ASN B 248 33.78 -5.12 4.88
N THR B 249 34.13 -3.95 5.41
CA THR B 249 35.28 -3.79 6.27
C THR B 249 35.05 -4.38 7.66
N LYS B 250 33.94 -4.00 8.31
CA LYS B 250 33.66 -4.50 9.64
C LYS B 250 33.45 -6.02 9.70
N LEU B 251 33.13 -6.62 8.55
CA LEU B 251 32.83 -8.05 8.48
C LEU B 251 33.96 -8.85 7.84
N CYS B 252 35.07 -8.16 7.55
CA CYS B 252 36.28 -8.83 7.07
C CYS B 252 36.08 -9.45 5.70
N VAL B 253 35.19 -8.87 4.91
CA VAL B 253 35.06 -9.20 3.50
C VAL B 253 36.28 -8.64 2.78
N PHE B 254 36.77 -7.49 3.26
CA PHE B 254 38.04 -6.93 2.82
C PHE B 254 38.89 -6.71 4.04
N ASP B 255 40.20 -6.91 3.92
CA ASP B 255 41.11 -6.78 5.06
C ASP B 255 41.32 -5.33 5.47
N ASP B 256 41.04 -4.42 4.55
CA ASP B 256 41.26 -3.01 4.79
C ASP B 256 40.45 -2.21 3.77
N SER B 258 41.39 0.05 1.90
CA SER B 258 42.21 0.20 0.70
C SER B 258 41.97 -0.92 -0.30
N GLN B 259 41.44 -2.04 0.17
CA GLN B 259 41.28 -3.22 -0.67
C GLN B 259 39.89 -3.28 -1.29
N HIS B 260 39.03 -2.36 -0.89
CA HIS B 260 37.69 -2.34 -1.44
C HIS B 260 37.69 -2.01 -2.93
N THR B 261 36.84 -2.69 -3.68
CA THR B 261 36.82 -2.58 -5.14
C THR B 261 35.66 -1.75 -5.66
N ILE B 262 35.03 -0.95 -4.79
CA ILE B 262 33.90 -0.13 -5.22
C ILE B 262 34.26 0.90 -6.29
N LEU B 263 35.41 1.55 -6.13
CA LEU B 263 35.89 2.50 -7.15
C LEU B 263 36.37 1.76 -8.41
N ASP B 264 37.06 0.64 -8.24
CA ASP B 264 37.42 -0.19 -9.38
C ASP B 264 36.17 -0.52 -10.21
N LEU B 266 33.00 1.08 -10.09
CA LEU B 266 32.54 2.35 -10.63
C LEU B 266 33.23 2.63 -11.96
N GLU B 267 34.57 2.63 -11.94
CA GLU B 267 35.37 2.99 -13.10
C GLU B 267 35.19 2.04 -14.29
N ARG B 268 34.78 0.81 -14.03
CA ARG B 268 34.50 -0.14 -15.10
C ARG B 268 33.06 -0.03 -15.57
N GLY B 269 32.32 0.93 -15.00
CA GLY B 269 30.97 1.19 -15.43
C GLY B 269 29.87 0.41 -14.73
N VAL B 270 30.22 -0.28 -13.64
CA VAL B 270 29.18 -0.95 -12.84
C VAL B 270 28.34 0.10 -12.11
N LYS B 271 27.03 -0.13 -12.06
CA LYS B 271 26.18 0.83 -11.36
C LYS B 271 26.20 0.68 -9.84
N VAL B 272 27.37 0.87 -9.23
CA VAL B 272 27.50 0.77 -7.78
C VAL B 272 26.96 2.00 -7.06
N THR B 273 26.43 1.78 -5.85
CA THR B 273 26.00 2.87 -4.98
C THR B 273 26.59 2.69 -3.59
N VAL B 274 26.51 3.73 -2.77
CA VAL B 274 27.10 3.71 -1.43
C VAL B 274 26.01 3.67 -0.35
N ASN B 275 26.14 2.77 0.61
CA ASN B 275 25.17 2.59 1.67
C ASN B 275 25.82 2.16 2.97
N SER B 276 25.16 2.49 4.07
CA SER B 276 25.67 2.16 5.40
C SER B 276 25.35 0.72 5.79
N ASP B 277 24.22 0.22 5.33
CA ASP B 277 23.79 -1.15 5.64
C ASP B 277 23.27 -1.22 7.08
N ASP B 278 24.14 -1.61 8.00
CA ASP B 278 23.78 -1.70 9.40
C ASP B 278 24.58 -0.73 10.22
N PRO B 279 24.20 0.54 10.14
CA PRO B 279 24.93 1.71 10.61
C PRO B 279 25.35 1.81 12.06
N ALA B 280 24.50 1.38 12.95
CA ALA B 280 24.74 1.42 14.36
C ALA B 280 25.78 0.37 14.75
N TYR B 281 25.96 -0.60 13.89
CA TYR B 281 26.85 -1.68 14.13
C TYR B 281 28.20 -1.46 13.50
N PHE B 282 28.26 -0.72 12.43
CA PHE B 282 29.52 -0.57 11.72
C PHE B 282 30.17 0.80 11.89
N GLY B 283 29.60 1.64 12.76
CA GLY B 283 30.20 2.91 13.10
C GLY B 283 30.09 4.01 12.05
N GLY B 284 29.10 3.90 11.18
CA GLY B 284 28.90 4.95 10.21
C GLY B 284 27.57 4.93 9.51
N TYR B 285 27.02 6.12 9.29
CA TYR B 285 25.89 6.26 8.39
C TYR B 285 26.40 6.59 7.00
N VAL B 286 25.48 6.79 6.06
CA VAL B 286 25.87 6.88 4.66
C VAL B 286 26.99 7.89 4.35
N THR B 287 26.92 9.07 4.94
CA THR B 287 27.98 10.08 4.72
C THR B 287 29.35 9.56 5.14
N GLU B 288 29.39 8.83 6.26
CA GLU B 288 30.62 8.24 6.75
C GLU B 288 31.18 7.21 5.79
N ASN B 289 30.31 6.50 5.10
CA ASN B 289 30.77 5.54 4.12
C ASN B 289 31.45 6.23 2.92
N PHE B 290 30.85 7.30 2.43
CA PHE B 290 31.45 8.10 1.38
C PHE B 290 32.83 8.57 1.81
N HIS B 291 32.89 9.08 3.04
CA HIS B 291 34.11 9.64 3.58
C HIS B 291 35.19 8.58 3.77
N ALA B 292 34.77 7.38 4.12
CA ALA B 292 35.71 6.26 4.18
C ALA B 292 36.34 6.02 2.81
N LEU B 293 35.56 6.24 1.76
CA LEU B 293 36.05 6.06 0.40
C LEU B 293 37.05 7.16 0.02
N GLN B 294 36.76 8.38 0.43
CA GLN B 294 37.64 9.51 0.15
C GLN B 294 38.97 9.36 0.85
N GLN B 295 38.92 8.92 2.11
CA GLN B 295 40.10 8.87 2.95
C GLN B 295 41.02 7.69 2.65
N SER B 296 40.45 6.57 2.23
CA SER B 296 41.21 5.33 2.11
C SER B 296 41.45 4.87 0.68
N LEU B 297 40.64 5.36 -0.25
CA LEU B 297 40.78 4.95 -1.64
C LEU B 297 41.03 6.15 -2.53
N GLY B 298 41.09 7.33 -1.91
CA GLY B 298 41.32 8.55 -2.67
C GLY B 298 40.22 8.87 -3.65
N THR B 300 37.60 10.72 -5.78
CA THR B 300 37.50 12.11 -6.26
C THR B 300 36.09 12.67 -6.13
N GLU B 301 35.98 14.00 -6.19
CA GLU B 301 34.69 14.66 -6.13
C GLU B 301 33.79 14.18 -7.27
N GLU B 302 34.39 13.91 -8.42
CA GLU B 302 33.65 13.46 -9.60
C GLU B 302 33.08 12.06 -9.37
N GLN B 303 33.86 11.19 -8.76
CA GLN B 303 33.38 9.86 -8.38
C GLN B 303 32.26 9.94 -7.34
N ALA B 304 32.40 10.85 -6.37
CA ALA B 304 31.36 11.02 -5.36
C ALA B 304 30.03 11.37 -6.00
N ARG B 305 30.03 12.34 -6.92
CA ARG B 305 28.82 12.79 -7.62
C ARG B 305 28.16 11.70 -8.42
N ARG B 306 29.00 10.84 -9.00
CA ARG B 306 28.53 9.73 -9.80
C ARG B 306 27.87 8.68 -8.90
N LEU B 307 28.50 8.39 -7.78
CA LEU B 307 27.94 7.46 -6.82
C LEU B 307 26.60 7.94 -6.30
N ALA B 308 26.56 9.17 -5.82
CA ALA B 308 25.31 9.78 -5.36
C ALA B 308 24.25 9.70 -6.47
N GLN B 309 24.64 10.06 -7.68
CA GLN B 309 23.69 10.11 -8.77
C GLN B 309 23.19 8.72 -9.12
N ASN B 310 24.08 7.73 -9.06
CA ASN B 310 23.66 6.34 -9.23
C ASN B 310 22.52 5.98 -8.28
N SER B 311 22.63 6.39 -7.02
CA SER B 311 21.65 6.00 -6.01
C SER B 311 20.29 6.61 -6.29
N LEU B 312 20.28 7.84 -6.80
CA LEU B 312 19.05 8.47 -7.27
C LEU B 312 18.48 7.76 -8.51
N ASP B 313 19.35 7.42 -9.46
CA ASP B 313 18.93 6.71 -10.65
C ASP B 313 18.39 5.31 -10.30
N ALA B 314 18.99 4.67 -9.31
CA ALA B 314 18.66 3.29 -8.97
C ALA B 314 17.40 3.10 -8.09
N ARG B 315 16.70 4.19 -7.77
CA ARG B 315 15.47 4.06 -7.00
C ARG B 315 14.40 3.18 -7.69
N LEU B 316 13.60 2.49 -6.88
CA LEU B 316 12.51 1.68 -7.41
C LEU B 316 11.18 2.43 -7.34
N VAL B 317 11.16 3.50 -6.56
CA VAL B 317 9.98 4.35 -6.44
C VAL B 317 10.34 5.84 -6.50
#